data_2P49
#
_entry.id   2P49
#
_cell.length_a   40.130
_cell.length_b   54.394
_cell.length_c   48.044
_cell.angle_alpha   90.00
_cell.angle_beta   108.49
_cell.angle_gamma   90.00
#
_symmetry.space_group_name_H-M   'P 1 21 1'
#
loop_
_entity.id
_entity.type
_entity.pdbx_description
1 polymer 'Ribonuclease pancreatic'
2 polymer 'ANTIBODY CAB-RN05'
3 non-polymer 'PHOSPHATE ION'
4 water water
#
loop_
_entity_poly.entity_id
_entity_poly.type
_entity_poly.pdbx_seq_one_letter_code
_entity_poly.pdbx_strand_id
1 'polypeptide(L)'
;KETAAAKFERQHMDSSTSAASSSNYCNQMMKSRNLTKDRCKPVNTFVHESLADVQAVCSQKNVACKNGQTNCYQSYSTMS
ITDCRETGSSKYPNCAYKTTQANKHIIVACEGNPYVPVHFDASV
;
A
2 'polypeptide(L)'
;GSQVQLVESGGGLVQAGGSLRLSCAASGYAYTYIYMGWFRQAPGKEREGVAAMDSGGGGTLYADSVKGRFTISRDKGKNT
VYLQMDSLKPEDTATYYCAAGGYELRDRTYGQWGQGTQVTVSS
;
B
#
loop_
_chem_comp.id
_chem_comp.type
_chem_comp.name
_chem_comp.formula
PO4 non-polymer 'PHOSPHATE ION' 'O4 P -3'
#
# COMPACT_ATOMS: atom_id res chain seq x y z
N GLU A 2 -16.48 12.55 1.76
CA GLU A 2 -16.38 11.22 1.14
C GLU A 2 -15.02 10.61 1.49
N THR A 3 -14.95 9.43 2.07
CA THR A 3 -13.66 8.79 2.38
C THR A 3 -13.04 8.28 1.10
N ALA A 4 -11.74 8.03 1.07
CA ALA A 4 -11.03 7.49 -0.06
C ALA A 4 -11.59 6.14 -0.43
N ALA A 5 -11.89 5.29 0.53
CA ALA A 5 -12.43 3.97 0.29
C ALA A 5 -13.79 4.09 -0.33
N ALA A 6 -14.64 5.00 0.12
CA ALA A 6 -15.98 5.17 -0.45
C ALA A 6 -15.89 5.72 -1.88
N LYS A 7 -14.94 6.60 -2.18
CA LYS A 7 -14.74 7.10 -3.53
C LYS A 7 -14.37 5.96 -4.46
N PHE A 8 -13.54 5.01 -4.05
CA PHE A 8 -13.22 3.86 -4.87
C PHE A 8 -14.48 3.06 -5.14
N GLU A 9 -15.34 2.83 -4.15
CA GLU A 9 -16.55 2.08 -4.38
C GLU A 9 -17.48 2.81 -5.35
N ARG A 10 -17.65 4.11 -5.21
CA ARG A 10 -18.50 4.88 -6.13
C ARG A 10 -17.94 4.82 -7.53
N GLN A 11 -16.62 4.93 -7.70
CA GLN A 11 -16.05 5.02 -9.01
C GLN A 11 -15.90 3.69 -9.67
N HIS A 12 -15.74 2.58 -8.94
CA HIS A 12 -15.28 1.33 -9.54
C HIS A 12 -16.07 0.10 -9.18
N MET A 13 -16.99 0.09 -8.20
CA MET A 13 -17.62 -1.16 -7.82
C MET A 13 -19.00 -1.22 -8.43
N ASP A 14 -19.34 -2.31 -9.09
CA ASP A 14 -20.68 -2.58 -9.55
C ASP A 14 -20.90 -4.07 -9.41
N SER A 15 -21.05 -4.56 -8.18
CA SER A 15 -21.13 -5.97 -7.87
C SER A 15 -22.45 -6.61 -8.25
N SER A 16 -23.55 -5.87 -8.38
CA SER A 16 -24.85 -6.46 -8.66
C SER A 16 -25.01 -6.82 -10.13
N THR A 17 -24.34 -6.15 -11.06
CA THR A 17 -24.45 -6.37 -12.50
C THR A 17 -23.56 -7.53 -12.93
N SER A 22 -23.95 -5.26 -22.88
CA SER A 22 -24.74 -4.06 -22.61
C SER A 22 -24.01 -2.81 -23.13
N SER A 23 -24.16 -2.39 -24.39
CA SER A 23 -23.18 -1.46 -24.97
C SER A 23 -23.42 -0.03 -24.55
N ASN A 24 -24.54 0.32 -23.90
CA ASN A 24 -24.70 1.64 -23.31
C ASN A 24 -24.28 1.72 -21.86
N TYR A 25 -23.81 0.64 -21.25
CA TYR A 25 -23.51 0.58 -19.82
C TYR A 25 -22.64 1.75 -19.39
N CYS A 26 -21.54 2.05 -20.05
CA CYS A 26 -20.62 3.11 -19.62
C CYS A 26 -21.26 4.47 -19.74
N ASN A 27 -22.06 4.75 -20.78
CA ASN A 27 -22.73 6.02 -20.84
C ASN A 27 -23.65 6.19 -19.64
N GLN A 28 -24.42 5.18 -19.25
CA GLN A 28 -25.31 5.23 -18.09
C GLN A 28 -24.52 5.38 -16.80
N MET A 29 -23.49 4.56 -16.59
CA MET A 29 -22.78 4.49 -15.32
C MET A 29 -21.84 5.65 -15.10
N MET A 30 -21.14 6.15 -16.11
CA MET A 30 -20.24 7.27 -15.92
C MET A 30 -21.01 8.47 -15.44
N LYS A 31 -22.22 8.69 -15.93
CA LYS A 31 -23.08 9.77 -15.45
C LYS A 31 -23.57 9.49 -14.06
N SER A 32 -24.12 8.30 -13.79
CA SER A 32 -24.75 8.01 -12.49
C SER A 32 -23.76 8.05 -11.34
N ARG A 33 -22.49 7.72 -11.55
CA ARG A 33 -21.47 7.70 -10.49
C ARG A 33 -20.75 9.05 -10.43
N ASN A 34 -21.22 10.07 -11.13
CA ASN A 34 -20.72 11.45 -11.05
C ASN A 34 -19.39 11.63 -11.70
N LEU A 35 -19.05 10.81 -12.68
CA LEU A 35 -17.74 10.86 -13.34
C LEU A 35 -17.80 11.70 -14.61
N THR A 36 -18.92 12.36 -14.90
CA THR A 36 -19.02 13.31 -15.98
C THR A 36 -19.35 14.67 -15.42
N LYS A 37 -19.37 14.87 -14.10
CA LYS A 37 -19.85 16.13 -13.53
C LYS A 37 -18.93 17.32 -13.81
N ASP A 38 -17.66 17.27 -13.49
CA ASP A 38 -16.77 18.44 -13.67
C ASP A 38 -16.00 18.36 -14.97
N ARG A 39 -15.81 17.17 -15.50
CA ARG A 39 -15.04 16.93 -16.69
C ARG A 39 -15.50 15.56 -17.16
N CYS A 40 -15.16 15.12 -18.36
CA CYS A 40 -15.35 13.75 -18.75
C CYS A 40 -14.18 12.95 -18.24
N LYS A 41 -14.36 12.11 -17.24
CA LYS A 41 -13.28 11.25 -16.77
C LYS A 41 -12.93 10.40 -17.97
N PRO A 42 -11.69 10.45 -18.47
CA PRO A 42 -11.42 9.79 -19.74
C PRO A 42 -11.50 8.27 -19.79
N VAL A 43 -11.03 7.57 -18.77
CA VAL A 43 -11.06 6.12 -18.70
C VAL A 43 -11.46 5.74 -17.30
N ASN A 44 -12.32 4.74 -17.14
CA ASN A 44 -12.73 4.29 -15.80
C ASN A 44 -13.15 2.88 -15.88
N THR A 45 -12.75 2.01 -14.96
CA THR A 45 -13.14 0.62 -14.94
C THR A 45 -14.11 0.32 -13.81
N PHE A 46 -15.13 -0.48 -14.10
CA PHE A 46 -16.06 -1.00 -13.11
C PHE A 46 -15.82 -2.47 -12.92
N VAL A 47 -15.89 -2.98 -11.70
CA VAL A 47 -15.62 -4.36 -11.37
C VAL A 47 -16.90 -5.05 -10.93
N HIS A 48 -17.27 -6.19 -11.55
CA HIS A 48 -18.48 -6.95 -11.27
C HIS A 48 -18.06 -8.15 -10.45
N GLU A 49 -17.54 -7.92 -9.28
CA GLU A 49 -17.21 -8.93 -8.30
C GLU A 49 -17.70 -8.37 -6.99
N SER A 50 -17.80 -9.18 -5.96
CA SER A 50 -18.25 -8.71 -4.65
C SER A 50 -17.26 -7.73 -4.08
N LEU A 51 -17.71 -6.83 -3.23
CA LEU A 51 -16.86 -5.90 -2.55
C LEU A 51 -15.85 -6.67 -1.72
N ALA A 52 -16.24 -7.76 -1.05
CA ALA A 52 -15.28 -8.58 -0.30
C ALA A 52 -14.18 -9.11 -1.17
N ASP A 53 -14.48 -9.63 -2.35
CA ASP A 53 -13.47 -10.16 -3.25
C ASP A 53 -12.55 -9.07 -3.75
N VAL A 54 -13.02 -7.85 -3.99
CA VAL A 54 -12.16 -6.77 -4.43
C VAL A 54 -11.32 -6.27 -3.28
N GLN A 55 -11.88 -6.09 -2.09
CA GLN A 55 -11.09 -5.67 -0.94
C GLN A 55 -10.01 -6.68 -0.63
N ALA A 56 -10.24 -7.96 -0.84
CA ALA A 56 -9.25 -8.99 -0.60
C ALA A 56 -8.04 -8.84 -1.47
N VAL A 57 -8.08 -8.12 -2.59
CA VAL A 57 -6.93 -7.97 -3.49
C VAL A 57 -5.85 -7.25 -2.73
N CYS A 58 -6.13 -6.44 -1.72
CA CYS A 58 -5.07 -5.77 -0.98
C CYS A 58 -4.20 -6.71 -0.20
N SER A 59 -4.56 -7.99 -0.08
CA SER A 59 -3.79 -9.04 0.56
CA SER A 59 -3.68 -8.96 0.55
C SER A 59 -3.18 -9.95 -0.50
N GLN A 60 -3.30 -9.66 -1.80
CA GLN A 60 -2.81 -10.54 -2.88
C GLN A 60 -1.45 -10.05 -3.36
N LYS A 61 -1.13 -10.02 -4.65
CA LYS A 61 0.24 -9.88 -5.09
C LYS A 61 0.67 -8.41 -5.14
N ASN A 62 1.63 -8.03 -4.32
CA ASN A 62 2.18 -6.66 -4.32
C ASN A 62 2.91 -6.43 -5.61
N VAL A 63 2.52 -5.41 -6.36
CA VAL A 63 3.14 -5.04 -7.63
C VAL A 63 3.30 -3.53 -7.72
N ALA A 64 4.12 -3.02 -8.63
CA ALA A 64 4.25 -1.60 -8.83
C ALA A 64 3.00 -1.05 -9.47
N CYS A 65 2.58 0.13 -9.04
CA CYS A 65 1.56 0.89 -9.69
C CYS A 65 2.14 1.44 -10.97
N LYS A 66 1.32 1.80 -11.92
CA LYS A 66 1.81 2.30 -13.22
C LYS A 66 2.59 3.60 -13.08
N ASN A 67 2.41 4.41 -12.04
CA ASN A 67 3.14 5.67 -11.87
C ASN A 67 4.48 5.43 -11.18
N GLY A 68 4.80 4.23 -10.68
CA GLY A 68 6.01 3.92 -9.96
C GLY A 68 5.80 3.75 -8.47
N GLN A 69 4.66 4.14 -7.88
CA GLN A 69 4.38 3.82 -6.48
C GLN A 69 4.36 2.33 -6.32
N THR A 70 4.54 1.82 -5.12
CA THR A 70 4.72 0.38 -4.91
C THR A 70 3.69 -0.22 -3.97
N ASN A 71 2.58 0.47 -3.66
CA ASN A 71 1.52 -0.05 -2.83
C ASN A 71 0.33 -0.51 -3.66
N CYS A 72 0.58 -1.10 -4.82
CA CYS A 72 -0.45 -1.70 -5.66
C CYS A 72 -0.48 -3.19 -5.49
N TYR A 73 -1.63 -3.78 -5.78
CA TYR A 73 -1.92 -5.18 -5.54
C TYR A 73 -2.68 -5.71 -6.73
N GLN A 74 -2.25 -6.86 -7.25
CA GLN A 74 -2.82 -7.52 -8.40
C GLN A 74 -3.61 -8.75 -7.97
N SER A 75 -4.82 -8.92 -8.50
CA SER A 75 -5.67 -10.05 -8.14
C SER A 75 -5.10 -11.31 -8.72
N TYR A 76 -5.05 -12.38 -7.95
CA TYR A 76 -4.57 -13.67 -8.42
C TYR A 76 -5.45 -14.23 -9.51
N SER A 77 -6.78 -14.12 -9.37
CA SER A 77 -7.71 -14.47 -10.42
C SER A 77 -8.01 -13.29 -11.30
N THR A 78 -8.33 -13.50 -12.57
CA THR A 78 -8.93 -12.45 -13.36
C THR A 78 -10.33 -12.23 -12.80
N MET A 79 -10.89 -11.08 -13.06
CA MET A 79 -12.21 -10.65 -12.58
C MET A 79 -13.02 -10.12 -13.74
N SER A 80 -14.34 -10.22 -13.66
CA SER A 80 -15.25 -9.65 -14.63
C SER A 80 -15.24 -8.13 -14.47
N ILE A 81 -14.78 -7.41 -15.47
CA ILE A 81 -14.71 -5.96 -15.44
C ILE A 81 -15.29 -5.33 -16.69
N THR A 82 -15.54 -4.04 -16.63
CA THR A 82 -16.05 -3.28 -17.78
C THR A 82 -15.18 -2.05 -17.86
N ASP A 83 -14.49 -1.87 -18.98
CA ASP A 83 -13.70 -0.69 -19.29
C ASP A 83 -14.57 0.33 -19.99
N CYS A 84 -14.56 1.56 -19.53
CA CYS A 84 -15.27 2.69 -20.12
C CYS A 84 -14.25 3.67 -20.59
N ARG A 85 -14.28 4.04 -21.85
CA ARG A 85 -13.26 4.83 -22.48
C ARG A 85 -13.96 5.88 -23.31
N GLU A 86 -13.56 7.15 -23.29
CA GLU A 86 -14.23 8.15 -24.09
C GLU A 86 -14.16 7.80 -25.57
N THR A 87 -15.19 8.14 -26.34
CA THR A 87 -15.25 8.00 -27.78
C THR A 87 -14.53 9.16 -28.45
N GLY A 88 -14.27 9.07 -29.74
CA GLY A 88 -13.64 10.14 -30.49
C GLY A 88 -14.45 11.40 -30.44
N SER A 89 -15.78 11.36 -30.35
CA SER A 89 -16.61 12.56 -30.41
C SER A 89 -16.79 13.17 -29.04
N SER A 90 -16.62 12.43 -27.95
CA SER A 90 -16.79 12.92 -26.60
C SER A 90 -16.10 14.25 -26.38
N LYS A 91 -16.78 15.23 -25.85
CA LYS A 91 -16.19 16.53 -25.52
C LYS A 91 -17.06 17.14 -24.44
N TYR A 92 -16.52 17.44 -23.27
CA TYR A 92 -17.30 17.96 -22.18
C TYR A 92 -18.01 19.28 -22.47
N PRO A 93 -19.32 19.25 -22.43
CA PRO A 93 -20.11 18.81 -21.31
C PRO A 93 -20.80 17.50 -21.80
N ASN A 94 -20.58 17.13 -23.07
CA ASN A 94 -21.28 16.06 -23.79
C ASN A 94 -20.40 14.84 -23.84
N CYS A 95 -20.21 14.18 -22.70
CA CYS A 95 -19.31 13.05 -22.57
C CYS A 95 -19.92 11.86 -23.22
N ALA A 96 -19.11 10.98 -23.81
CA ALA A 96 -19.62 9.79 -24.45
C ALA A 96 -18.57 8.72 -24.30
N TYR A 97 -18.99 7.48 -24.10
CA TYR A 97 -18.12 6.38 -23.75
C TYR A 97 -18.39 5.14 -24.56
N LYS A 98 -17.35 4.39 -24.86
CA LYS A 98 -17.46 3.05 -25.40
C LYS A 98 -17.30 2.06 -24.26
N THR A 99 -18.11 1.01 -24.25
CA THR A 99 -18.09 -0.04 -23.26
C THR A 99 -17.39 -1.27 -23.75
N THR A 100 -16.43 -1.83 -23.00
CA THR A 100 -15.80 -3.08 -23.37
C THR A 100 -15.76 -3.99 -22.18
N GLN A 101 -16.37 -5.15 -22.24
CA GLN A 101 -16.31 -6.15 -21.18
C GLN A 101 -15.01 -6.90 -21.26
N ALA A 102 -14.43 -7.31 -20.16
CA ALA A 102 -13.15 -7.98 -20.14
C ALA A 102 -13.07 -8.87 -18.95
N ASN A 103 -12.13 -9.80 -18.95
CA ASN A 103 -11.80 -10.63 -17.81
C ASN A 103 -10.33 -10.53 -17.61
N LYS A 104 -9.89 -9.73 -16.64
CA LYS A 104 -8.49 -9.40 -16.45
C LYS A 104 -8.14 -9.37 -15.00
N HIS A 105 -6.86 -9.48 -14.66
CA HIS A 105 -6.42 -9.26 -13.30
C HIS A 105 -6.55 -7.79 -12.99
N ILE A 106 -7.20 -7.40 -11.89
CA ILE A 106 -7.25 -5.98 -11.51
C ILE A 106 -6.04 -5.64 -10.68
N ILE A 107 -5.60 -4.38 -10.78
CA ILE A 107 -4.48 -3.83 -9.98
C ILE A 107 -5.03 -2.60 -9.31
N VAL A 108 -4.96 -2.55 -7.98
CA VAL A 108 -5.50 -1.45 -7.19
C VAL A 108 -4.40 -0.93 -6.29
N ALA A 109 -4.42 0.35 -5.93
CA ALA A 109 -3.61 0.87 -4.82
C ALA A 109 -4.40 0.82 -3.56
N CYS A 110 -3.79 0.37 -2.48
CA CYS A 110 -4.44 0.20 -1.18
C CYS A 110 -3.83 1.14 -0.18
N GLU A 111 -4.65 1.64 0.73
CA GLU A 111 -4.19 2.51 1.82
C GLU A 111 -5.09 2.30 3.02
N GLY A 112 -4.63 2.66 4.20
CA GLY A 112 -5.49 2.80 5.37
C GLY A 112 -5.36 1.66 6.33
N ASN A 113 -6.08 1.78 7.43
CA ASN A 113 -6.23 0.74 8.40
C ASN A 113 -7.62 0.55 8.98
N PRO A 114 -8.55 -0.07 8.25
CA PRO A 114 -8.25 -1.32 7.55
C PRO A 114 -7.70 -0.97 6.17
N TYR A 115 -6.91 -1.85 5.60
CA TYR A 115 -6.20 -1.60 4.36
C TYR A 115 -7.10 -1.99 3.22
N VAL A 116 -7.57 -1.03 2.44
CA VAL A 116 -8.57 -1.22 1.41
C VAL A 116 -8.19 -0.51 0.12
N PRO A 117 -8.82 -0.86 -0.99
CA PRO A 117 -8.58 -0.16 -2.22
C PRO A 117 -8.98 1.31 -2.21
N VAL A 118 -8.12 2.20 -2.68
CA VAL A 118 -8.40 3.61 -2.78
C VAL A 118 -8.16 4.12 -4.18
N HIS A 119 -7.66 3.32 -5.11
CA HIS A 119 -7.44 3.77 -6.49
C HIS A 119 -7.44 2.56 -7.38
N PHE A 120 -8.07 2.63 -8.57
CA PHE A 120 -8.03 1.57 -9.52
C PHE A 120 -6.92 1.91 -10.47
N ASP A 121 -5.89 1.06 -10.58
CA ASP A 121 -4.70 1.38 -11.32
C ASP A 121 -4.70 0.83 -12.75
N ALA A 122 -5.04 -0.43 -12.96
CA ALA A 122 -4.85 -1.06 -14.25
C ALA A 122 -5.48 -2.42 -14.26
N SER A 123 -5.63 -3.00 -15.46
CA SER A 123 -6.04 -4.39 -15.58
CA SER A 123 -6.09 -4.38 -15.63
C SER A 123 -5.08 -5.06 -16.54
N VAL A 124 -4.69 -6.29 -16.28
CA VAL A 124 -3.72 -7.00 -17.09
C VAL A 124 -4.12 -8.45 -17.29
N GLY B 1 0.61 -21.89 8.43
CA GLY B 1 1.05 -20.49 8.19
C GLY B 1 0.09 -19.76 7.29
N SER B 2 -1.22 -19.86 7.54
CA SER B 2 -2.23 -19.23 6.71
C SER B 2 -2.17 -17.73 6.88
N GLN B 3 -1.62 -17.18 7.96
CA GLN B 3 -1.61 -15.74 8.18
C GLN B 3 -0.27 -15.14 7.87
N VAL B 4 -0.21 -13.95 7.30
CA VAL B 4 1.02 -13.20 7.20
C VAL B 4 1.40 -12.69 8.57
N GLN B 5 2.64 -12.87 8.98
CA GLN B 5 3.11 -12.41 10.26
C GLN B 5 4.39 -11.69 10.07
N LEU B 6 4.53 -10.48 10.59
CA LEU B 6 5.79 -9.76 10.56
C LEU B 6 6.45 -9.93 11.91
N VAL B 7 7.41 -10.84 12.02
CA VAL B 7 8.01 -11.22 13.28
C VAL B 7 9.11 -10.24 13.63
N GLU B 8 8.96 -9.47 14.71
CA GLU B 8 9.89 -8.45 15.16
C GLU B 8 10.74 -9.01 16.28
N SER B 9 12.03 -8.74 16.30
CA SER B 9 12.88 -9.10 17.40
C SER B 9 13.95 -8.04 17.58
N GLY B 10 14.73 -8.13 18.65
CA GLY B 10 15.73 -7.16 18.97
C GLY B 10 15.07 -6.02 19.70
N GLY B 11 15.59 -4.84 19.64
CA GLY B 11 15.06 -3.72 20.38
C GLY B 11 15.26 -3.86 21.86
N GLY B 12 14.43 -3.19 22.67
CA GLY B 12 14.49 -3.21 24.11
C GLY B 12 15.15 -2.01 24.75
N LEU B 13 15.63 -2.17 25.97
CA LEU B 13 16.18 -1.12 26.80
C LEU B 13 17.66 -0.98 26.59
N VAL B 14 18.20 0.23 26.47
CA VAL B 14 19.60 0.45 26.24
C VAL B 14 19.94 1.84 26.78
N GLN B 15 21.17 2.08 27.17
CA GLN B 15 21.60 3.39 27.59
C GLN B 15 21.81 4.32 26.42
N ALA B 16 21.63 5.62 26.63
CA ALA B 16 21.93 6.61 25.61
C ALA B 16 23.37 6.48 25.14
N GLY B 17 23.63 6.62 23.85
CA GLY B 17 24.95 6.42 23.29
C GLY B 17 25.15 4.99 22.86
N GLY B 18 24.28 4.07 23.23
CA GLY B 18 24.44 2.68 22.95
C GLY B 18 23.88 2.29 21.62
N SER B 19 23.84 1.00 21.32
CA SER B 19 23.39 0.46 20.04
C SER B 19 22.43 -0.68 20.22
N LEU B 20 21.51 -0.83 19.28
CA LEU B 20 20.57 -1.93 19.20
C LEU B 20 20.37 -2.31 17.78
N ARG B 21 19.90 -3.51 17.53
CA ARG B 21 19.42 -3.88 16.22
C ARG B 21 17.98 -4.32 16.36
N LEU B 22 17.16 -3.93 15.39
CA LEU B 22 15.82 -4.46 15.24
C LEU B 22 15.82 -5.36 14.03
N SER B 23 15.16 -6.50 14.09
CA SER B 23 15.04 -7.45 13.00
CA SER B 23 15.03 -7.42 12.98
C SER B 23 13.56 -7.68 12.72
N CYS B 24 13.15 -7.86 11.47
CA CYS B 24 11.80 -8.21 11.10
C CYS B 24 11.86 -9.23 9.98
N ALA B 25 11.13 -10.32 10.10
CA ALA B 25 11.03 -11.32 9.05
C ALA B 25 9.58 -11.63 8.80
N ALA B 26 9.10 -11.47 7.58
CA ALA B 26 7.72 -11.80 7.22
C ALA B 26 7.59 -13.27 6.95
N SER B 27 6.55 -13.92 7.42
CA SER B 27 6.22 -15.25 6.96
C SER B 27 4.80 -15.25 6.46
N GLY B 28 4.42 -16.24 5.67
CA GLY B 28 3.07 -16.40 5.19
C GLY B 28 2.77 -15.63 3.92
N TYR B 29 3.73 -14.91 3.33
CA TYR B 29 3.53 -14.22 2.04
C TYR B 29 4.47 -14.86 1.02
N ALA B 30 3.93 -15.38 -0.08
CA ALA B 30 4.65 -16.23 -1.02
C ALA B 30 5.48 -15.41 -1.96
N TYR B 31 5.28 -14.10 -2.09
CA TYR B 31 6.03 -13.29 -3.05
C TYR B 31 6.92 -12.32 -2.33
N THR B 32 7.48 -11.32 -2.99
CA THR B 32 8.39 -10.38 -2.35
C THR B 32 7.68 -9.06 -2.15
N TYR B 33 7.69 -8.51 -0.95
CA TYR B 33 7.18 -7.16 -0.71
C TYR B 33 8.14 -6.15 -1.31
N ILE B 34 7.66 -5.24 -2.15
CA ILE B 34 8.56 -4.31 -2.83
C ILE B 34 9.21 -3.38 -1.81
N TYR B 35 8.46 -2.74 -0.92
CA TYR B 35 8.99 -1.92 0.14
C TYR B 35 8.74 -2.58 1.46
N MET B 36 9.74 -2.53 2.35
CA MET B 36 9.57 -2.79 3.77
C MET B 36 10.22 -1.66 4.53
N GLY B 37 9.82 -1.42 5.77
CA GLY B 37 10.44 -0.40 6.53
C GLY B 37 10.12 -0.53 7.99
N TRP B 38 10.66 0.43 8.72
CA TRP B 38 10.46 0.59 10.15
C TRP B 38 9.83 1.93 10.42
N PHE B 39 8.77 1.93 11.21
CA PHE B 39 8.09 3.10 11.69
C PHE B 39 8.26 3.15 13.19
N ARG B 40 7.97 4.26 13.83
CA ARG B 40 7.98 4.29 15.28
C ARG B 40 6.92 5.21 15.79
N GLN B 41 6.44 5.02 17.01
CA GLN B 41 5.60 5.99 17.68
C GLN B 41 6.21 6.30 19.02
N ALA B 42 6.80 7.46 19.18
CA ALA B 42 7.41 7.91 20.42
C ALA B 42 6.35 8.46 21.34
N PRO B 43 6.57 8.41 22.65
CA PRO B 43 5.65 9.06 23.59
C PRO B 43 5.42 10.49 23.22
N GLY B 44 4.18 10.95 23.16
CA GLY B 44 3.89 12.34 22.90
C GLY B 44 3.91 12.67 21.44
N LYS B 45 4.06 11.70 20.53
CA LYS B 45 4.23 11.97 19.12
C LYS B 45 3.40 11.07 18.24
N GLU B 46 3.08 11.52 17.03
CA GLU B 46 2.42 10.69 16.04
C GLU B 46 3.40 9.65 15.48
N ARG B 47 2.91 8.56 14.91
CA ARG B 47 3.73 7.61 14.24
C ARG B 47 4.48 8.26 13.11
N GLU B 48 5.73 7.85 12.86
CA GLU B 48 6.57 8.38 11.77
C GLU B 48 7.36 7.27 11.18
N GLY B 49 7.62 7.39 9.90
CA GLY B 49 8.52 6.52 9.20
C GLY B 49 9.95 6.78 9.63
N VAL B 50 10.70 5.73 9.95
CA VAL B 50 12.10 5.83 10.38
C VAL B 50 13.03 5.47 9.24
N ALA B 51 12.81 4.38 8.54
CA ALA B 51 13.67 3.97 7.45
C ALA B 51 12.87 3.03 6.58
N ALA B 52 13.11 3.04 5.28
CA ALA B 52 12.43 2.12 4.38
C ALA B 52 13.38 1.81 3.23
N MET B 53 13.22 0.64 2.63
CA MET B 53 14.11 0.21 1.56
C MET B 53 13.36 -0.73 0.64
N ASP B 54 13.63 -0.66 -0.66
CA ASP B 54 12.95 -1.54 -1.59
C ASP B 54 13.64 -2.89 -1.69
N SER B 55 13.04 -3.84 -2.38
CA SER B 55 13.51 -5.22 -2.35
C SER B 55 14.83 -5.37 -3.08
N GLY B 56 15.24 -4.43 -3.95
CA GLY B 56 16.55 -4.43 -4.59
C GLY B 56 17.61 -3.81 -3.72
N GLY B 57 17.30 -3.31 -2.53
CA GLY B 57 18.26 -2.73 -1.63
C GLY B 57 18.39 -1.25 -1.88
N GLY B 58 17.55 -0.66 -2.72
CA GLY B 58 17.60 0.73 -3.12
C GLY B 58 16.38 1.47 -2.62
N GLY B 59 16.11 2.67 -3.16
CA GLY B 59 15.01 3.51 -2.75
C GLY B 59 15.09 3.76 -1.26
N THR B 60 16.27 3.83 -0.68
CA THR B 60 16.45 3.90 0.75
C THR B 60 16.16 5.27 1.24
N LEU B 61 15.34 5.40 2.27
CA LEU B 61 14.91 6.69 2.82
C LEU B 61 14.99 6.62 4.31
N TYR B 62 15.42 7.69 4.97
CA TYR B 62 15.50 7.77 6.42
C TYR B 62 14.80 9.00 6.93
N ALA B 63 14.17 8.97 8.10
CA ALA B 63 13.81 10.19 8.80
C ALA B 63 15.05 11.04 8.99
N ASP B 64 14.94 12.35 8.86
CA ASP B 64 16.04 13.25 9.00
C ASP B 64 16.77 13.06 10.34
N SER B 65 16.04 12.81 11.42
CA SER B 65 16.62 12.71 12.77
C SER B 65 17.51 11.49 12.92
N VAL B 66 17.43 10.50 12.06
CA VAL B 66 18.23 9.27 12.24
C VAL B 66 19.26 9.10 11.12
N LYS B 67 19.30 9.94 10.09
CA LYS B 67 20.27 9.81 8.99
C LYS B 67 21.67 9.84 9.58
N GLY B 68 22.53 8.90 9.20
CA GLY B 68 23.89 8.79 9.68
C GLY B 68 24.01 8.06 10.98
N ARG B 69 22.94 7.71 11.69
CA ARG B 69 23.01 6.92 12.92
C ARG B 69 22.39 5.55 12.70
N PHE B 70 21.29 5.44 11.95
CA PHE B 70 20.59 4.19 11.72
C PHE B 70 20.88 3.70 10.34
N THR B 71 20.96 2.38 10.14
CA THR B 71 21.15 1.79 8.83
C THR B 71 20.13 0.72 8.61
N ILE B 72 19.34 0.80 7.55
CA ILE B 72 18.39 -0.23 7.19
C ILE B 72 19.01 -1.16 6.18
N SER B 73 18.68 -2.45 6.22
CA SER B 73 19.17 -3.40 5.24
C SER B 73 18.12 -4.46 5.00
N ARG B 74 18.11 -5.01 3.80
CA ARG B 74 17.25 -6.10 3.40
C ARG B 74 18.03 -7.23 2.79
N ASP B 75 19.34 -7.29 2.96
CA ASP B 75 20.15 -8.30 2.28
C ASP B 75 20.22 -9.62 3.05
N LYS B 76 19.45 -9.85 4.11
CA LYS B 76 19.69 -10.96 5.04
C LYS B 76 18.58 -11.97 5.00
N GLY B 77 17.80 -12.06 3.94
CA GLY B 77 16.74 -13.04 3.91
C GLY B 77 15.56 -12.47 3.16
N LYS B 78 14.80 -13.27 2.45
CA LYS B 78 13.63 -12.83 1.71
C LYS B 78 12.62 -12.22 2.65
N ASN B 79 12.04 -11.07 2.31
CA ASN B 79 11.08 -10.31 3.13
C ASN B 79 11.56 -10.12 4.56
N THR B 80 12.84 -9.81 4.75
CA THR B 80 13.39 -9.47 6.02
C THR B 80 13.84 -8.04 5.92
N VAL B 81 13.80 -7.32 7.02
CA VAL B 81 14.31 -5.96 7.05
C VAL B 81 14.90 -5.72 8.41
N TYR B 82 16.10 -5.17 8.48
CA TYR B 82 16.83 -4.97 9.70
C TYR B 82 17.16 -3.51 9.86
N LEU B 83 17.26 -3.05 11.10
CA LEU B 83 17.61 -1.65 11.41
C LEU B 83 18.70 -1.63 12.45
N GLN B 84 19.93 -1.30 12.06
CA GLN B 84 21.00 -1.09 13.00
C GLN B 84 20.92 0.30 13.56
N MET B 85 20.85 0.46 14.87
CA MET B 85 20.65 1.75 15.50
C MET B 85 21.82 2.07 16.38
N ASP B 86 22.65 3.01 15.95
CA ASP B 86 23.85 3.42 16.69
C ASP B 86 23.65 4.77 17.30
N SER B 87 24.45 5.15 18.28
CA SER B 87 24.42 6.49 18.86
C SER B 87 23.01 6.85 19.30
N LEU B 88 22.32 5.93 19.97
CA LEU B 88 20.95 6.12 20.38
C LEU B 88 20.79 7.28 21.34
N LYS B 89 19.68 7.99 21.21
CA LYS B 89 19.35 9.18 21.99
C LYS B 89 18.03 8.93 22.71
N PRO B 90 17.82 9.58 23.84
CA PRO B 90 16.58 9.41 24.59
C PRO B 90 15.35 9.60 23.72
N GLU B 91 15.37 10.53 22.77
CA GLU B 91 14.25 10.80 21.92
C GLU B 91 14.02 9.70 20.88
N ASP B 92 14.90 8.72 20.73
CA ASP B 92 14.61 7.52 19.96
C ASP B 92 13.72 6.52 20.70
N THR B 93 13.42 6.73 21.98
CA THR B 93 12.50 5.90 22.72
C THR B 93 11.16 5.90 22.04
N ALA B 94 10.61 4.73 21.74
CA ALA B 94 9.38 4.61 20.98
C ALA B 94 9.04 3.16 20.83
N THR B 95 7.80 2.86 20.44
CA THR B 95 7.45 1.56 19.94
C THR B 95 7.79 1.56 18.47
N TYR B 96 8.60 0.61 18.02
CA TYR B 96 9.02 0.48 16.63
C TYR B 96 8.22 -0.62 15.99
N TYR B 97 7.77 -0.40 14.76
CA TYR B 97 6.90 -1.31 14.03
C TYR B 97 7.52 -1.63 12.70
N CYS B 98 7.61 -2.90 12.35
CA CYS B 98 7.95 -3.32 10.98
C CYS B 98 6.73 -3.16 10.12
N ALA B 99 6.89 -2.81 8.87
CA ALA B 99 5.76 -2.66 7.94
C ALA B 99 6.18 -3.20 6.60
N ALA B 100 5.24 -3.71 5.83
CA ALA B 100 5.53 -4.28 4.51
C ALA B 100 4.44 -4.00 3.51
N GLY B 101 4.79 -3.75 2.27
CA GLY B 101 3.82 -3.66 1.18
C GLY B 101 3.37 -2.27 0.83
N GLY B 102 4.04 -1.25 1.32
CA GLY B 102 3.68 0.12 1.06
C GLY B 102 4.65 0.80 0.14
N TYR B 103 4.89 2.09 0.35
CA TYR B 103 5.69 2.93 -0.51
C TYR B 103 6.44 3.93 0.35
N GLU B 104 7.77 3.95 0.26
CA GLU B 104 8.61 4.94 0.89
C GLU B 104 8.30 5.01 2.37
N LEU B 105 8.17 6.18 2.97
CA LEU B 105 7.91 6.31 4.41
C LEU B 105 6.47 6.69 4.70
N ARG B 106 5.55 6.44 3.77
CA ARG B 106 4.19 6.85 3.91
C ARG B 106 3.37 5.78 4.57
N ASP B 107 3.11 5.98 5.83
CA ASP B 107 2.43 5.07 6.73
C ASP B 107 1.13 4.54 6.17
N ARG B 108 0.26 5.39 5.63
CA ARG B 108 -1.04 4.94 5.12
C ARG B 108 -0.91 3.96 3.98
N THR B 109 0.24 3.89 3.28
CA THR B 109 0.40 2.97 2.13
C THR B 109 0.78 1.57 2.51
N TYR B 110 1.13 1.31 3.77
CA TYR B 110 1.56 -0.01 4.22
C TYR B 110 0.40 -0.74 4.82
N GLY B 111 0.18 -2.00 4.43
CA GLY B 111 -0.97 -2.77 4.87
C GLY B 111 -0.63 -3.92 5.79
N GLN B 112 0.63 -4.26 6.00
CA GLN B 112 1.03 -5.30 6.91
C GLN B 112 1.94 -4.68 7.94
N TRP B 113 1.70 -4.90 9.20
CA TRP B 113 2.33 -4.25 10.32
C TRP B 113 2.71 -5.27 11.37
N GLY B 114 3.89 -5.16 11.95
CA GLY B 114 4.25 -5.89 13.13
C GLY B 114 3.47 -5.39 14.32
N GLN B 115 3.48 -6.14 15.40
CA GLN B 115 2.75 -5.78 16.59
C GLN B 115 3.40 -4.66 17.35
N GLY B 116 4.69 -4.38 17.14
CA GLY B 116 5.37 -3.28 17.84
C GLY B 116 6.36 -3.79 18.85
N THR B 117 7.55 -3.23 18.88
CA THR B 117 8.62 -3.63 19.78
C THR B 117 9.11 -2.42 20.51
N GLN B 118 9.09 -2.42 21.83
CA GLN B 118 9.52 -1.26 22.59
C GLN B 118 11.02 -1.06 22.47
N VAL B 119 11.47 0.15 22.25
CA VAL B 119 12.86 0.56 22.36
C VAL B 119 12.89 1.69 23.38
N THR B 120 13.67 1.57 24.44
CA THR B 120 13.75 2.59 25.48
C THR B 120 15.20 2.98 25.65
N VAL B 121 15.53 4.25 25.49
CA VAL B 121 16.87 4.75 25.59
C VAL B 121 16.95 5.60 26.84
N SER B 122 17.69 5.15 27.85
CA SER B 122 17.78 5.81 29.15
C SER B 122 18.96 6.77 29.22
N SER B 123 18.90 7.77 30.11
CA SER B 123 19.99 8.76 30.32
C SER B 123 20.76 8.47 31.59
P PO4 C . -9.14 6.58 -9.51
O1 PO4 C . -7.64 6.87 -9.45
O2 PO4 C . -9.41 5.18 -8.95
O3 PO4 C . -9.57 6.58 -10.96
O4 PO4 C . -9.93 7.68 -8.81
#